data_3H6X
#
_entry.id   3H6X
#
_cell.length_a   88.780
_cell.length_b   53.520
_cell.length_c   93.140
_cell.angle_alpha   90.00
_cell.angle_beta   113.91
_cell.angle_gamma   90.00
#
_symmetry.space_group_name_H-M   'C 1 2 1'
#
loop_
_entity.id
_entity.type
_entity.pdbx_description
1 polymer dUTPase
2 water water
#
_entity_poly.entity_id   1
_entity_poly.type   'polypeptide(L)'
_entity_poly.pdbx_seq_one_letter_code
;(MSE)(MSE)KTRGFELITDYTDENLLPKRETAHAAGYDLKVAERTEISAGAIVLVPTGVKAY(MSE)QVGEVLYLFDRS
SNPRKKGLVLINSVGVIDGDYYNNPNNEGHIFAQ(MSE)KN(MSE)TDQTVVLEAGERVVQGVF(MSE)PFLLIDGDKAT
GTRTGGFGSTGG
;
_entity_poly.pdbx_strand_id   A,B,C
#
# COMPACT_ATOMS: atom_id res chain seq x y z
N THR A 4 17.70 18.13 3.94
CA THR A 4 16.78 17.44 4.84
C THR A 4 16.26 16.15 4.17
N ARG A 5 15.43 16.30 3.15
CA ARG A 5 15.01 15.15 2.36
C ARG A 5 14.75 15.58 0.93
N GLY A 6 14.88 14.67 -0.02
CA GLY A 6 14.63 15.03 -1.41
C GLY A 6 15.21 14.02 -2.40
N PHE A 7 15.22 14.42 -3.67
CA PHE A 7 15.68 13.56 -4.76
C PHE A 7 16.89 14.15 -5.44
N GLU A 8 17.73 13.27 -5.97
CA GLU A 8 18.86 13.66 -6.80
C GLU A 8 18.92 12.70 -7.98
N LEU A 9 19.40 13.17 -9.13
CA LEU A 9 19.67 12.27 -10.25
C LEU A 9 20.81 11.34 -9.87
N ILE A 10 20.71 10.08 -10.28
CA ILE A 10 21.86 9.20 -10.13
C ILE A 10 22.89 9.56 -11.18
N THR A 11 24.12 9.09 -11.02
CA THR A 11 25.16 9.55 -11.93
C THR A 11 24.90 9.11 -13.39
N ASP A 12 24.16 8.02 -13.57
CA ASP A 12 23.86 7.51 -14.92
C ASP A 12 22.89 8.34 -15.76
N TYR A 13 22.20 9.31 -15.15
CA TYR A 13 21.22 10.13 -15.85
C TYR A 13 21.46 11.62 -15.58
N THR A 14 21.20 12.45 -16.60
CA THR A 14 21.44 13.88 -16.48
C THR A 14 20.24 14.75 -16.84
N ASP A 15 19.13 14.13 -17.24
CA ASP A 15 17.94 14.91 -17.57
C ASP A 15 17.22 15.40 -16.32
N GLU A 16 17.29 16.70 -16.05
CA GLU A 16 16.71 17.25 -14.82
C GLU A 16 15.19 17.20 -14.81
N ASN A 17 14.61 16.90 -15.96
CA ASN A 17 13.17 16.70 -16.08
C ASN A 17 12.74 15.51 -15.20
N LEU A 18 13.67 14.63 -14.88
CA LEU A 18 13.34 13.44 -14.06
C LEU A 18 13.21 13.75 -12.58
N LEU A 19 13.68 14.92 -12.15
CA LEU A 19 13.57 15.24 -10.73
C LEU A 19 12.10 15.44 -10.37
N PRO A 20 11.59 14.67 -9.39
CA PRO A 20 10.15 14.68 -9.11
C PRO A 20 9.63 15.98 -8.54
N LYS A 21 8.40 16.32 -8.91
CA LYS A 21 7.70 17.44 -8.28
C LYS A 21 6.29 17.00 -7.95
N ARG A 22 5.64 17.76 -7.08
CA ARG A 22 4.22 17.53 -6.79
C ARG A 22 3.35 18.22 -7.83
N GLU A 23 2.27 17.55 -8.22
CA GLU A 23 1.40 18.11 -9.25
C GLU A 23 0.64 19.34 -8.79
N THR A 24 0.25 19.35 -7.51
CA THR A 24 -0.43 20.52 -6.94
C THR A 24 0.19 20.84 -5.60
N ALA A 25 -0.09 22.04 -5.10
CA ALA A 25 0.52 22.59 -3.89
C ALA A 25 0.19 21.81 -2.60
N HIS A 26 -0.88 21.03 -2.61
CA HIS A 26 -1.23 20.28 -1.41
C HIS A 26 -1.19 18.78 -1.61
N ALA A 27 -0.66 18.34 -2.74
CA ALA A 27 -0.53 16.92 -3.01
C ALA A 27 0.49 16.28 -2.07
N ALA A 28 0.23 15.03 -1.70
CA ALA A 28 1.14 14.31 -0.82
C ALA A 28 2.34 13.77 -1.60
N GLY A 29 2.11 13.46 -2.86
CA GLY A 29 3.06 12.65 -3.63
C GLY A 29 3.88 13.42 -4.65
N TYR A 30 5.14 13.00 -4.80
CA TYR A 30 6.02 13.51 -5.83
C TYR A 30 6.00 12.53 -6.98
N ASP A 31 5.79 13.03 -8.20
CA ASP A 31 5.64 12.12 -9.32
C ASP A 31 7.00 11.72 -9.91
N LEU A 32 7.37 10.46 -9.73
CA LEU A 32 8.59 9.92 -10.34
C LEU A 32 8.29 9.52 -11.78
N LYS A 33 9.32 9.63 -12.63
CA LYS A 33 9.16 9.44 -14.06
C LYS A 33 10.03 8.31 -14.58
N VAL A 34 9.70 7.85 -15.78
CA VAL A 34 10.43 6.78 -16.44
C VAL A 34 11.74 7.35 -17.01
N ALA A 35 12.88 6.76 -16.66
CA ALA A 35 14.17 7.39 -16.98
C ALA A 35 14.58 7.18 -18.44
N GLU A 36 14.17 6.04 -19.00
CA GLU A 36 14.48 5.72 -20.38
C GLU A 36 13.35 4.84 -20.90
N ARG A 37 13.12 4.87 -22.21
CA ARG A 37 12.07 4.04 -22.80
C ARG A 37 12.16 2.61 -22.29
N THR A 38 11.04 2.09 -21.80
CA THR A 38 11.03 0.75 -21.21
C THR A 38 9.82 -0.03 -21.72
N GLU A 39 10.06 -1.21 -22.28
CA GLU A 39 9.02 -2.10 -22.77
C GLU A 39 8.69 -3.16 -21.74
N ILE A 40 7.41 -3.50 -21.61
CA ILE A 40 6.98 -4.57 -20.73
C ILE A 40 6.10 -5.55 -21.51
N SER A 41 6.59 -6.76 -21.70
CA SER A 41 5.85 -7.80 -22.42
C SER A 41 4.58 -8.20 -21.72
N ALA A 42 3.65 -8.77 -22.49
CA ALA A 42 2.41 -9.28 -21.92
C ALA A 42 2.65 -10.19 -20.72
N GLY A 43 2.04 -9.84 -19.58
CA GLY A 43 2.10 -10.65 -18.39
C GLY A 43 3.41 -10.57 -17.63
N ALA A 44 4.36 -9.77 -18.13
CA ALA A 44 5.71 -9.72 -17.55
C ALA A 44 5.83 -8.70 -16.41
N ILE A 45 6.81 -8.94 -15.54
CA ILE A 45 7.21 -7.96 -14.53
C ILE A 45 8.56 -7.35 -14.92
N VAL A 46 8.62 -6.03 -14.91
CA VAL A 46 9.85 -5.32 -15.29
C VAL A 46 10.17 -4.23 -14.29
N LEU A 47 11.44 -4.14 -13.90
CA LEU A 47 11.90 -3.06 -13.03
C LEU A 47 12.11 -1.81 -13.88
N VAL A 48 11.27 -0.80 -13.67
CA VAL A 48 11.33 0.39 -14.52
C VAL A 48 12.20 1.44 -13.85
N PRO A 49 13.26 1.90 -14.54
CA PRO A 49 14.16 2.88 -13.93
C PRO A 49 13.50 4.26 -13.83
N THR A 50 13.86 4.97 -12.78
CA THR A 50 13.26 6.21 -12.44
C THR A 50 14.34 7.32 -12.54
N GLY A 51 15.60 6.90 -12.58
CA GLY A 51 16.72 7.82 -12.73
C GLY A 51 17.12 8.63 -11.49
N VAL A 52 16.40 8.42 -10.38
CA VAL A 52 16.68 9.20 -9.19
C VAL A 52 16.93 8.34 -7.94
N LYS A 53 17.56 8.96 -6.96
CA LYS A 53 17.75 8.41 -5.64
C LYS A 53 17.16 9.40 -4.63
N ALA A 54 16.90 8.95 -3.41
CA ALA A 54 16.23 9.80 -2.44
C ALA A 54 16.94 9.77 -1.09
N TYR A 55 17.18 10.95 -0.51
CA TYR A 55 17.80 11.06 0.80
C TYR A 55 16.72 11.56 1.76
N GLN A 57 15.82 12.06 6.45
CA GLN A 57 16.37 12.05 7.80
C GLN A 57 16.16 10.72 8.48
N VAL A 58 16.83 10.51 9.62
CA VAL A 58 16.58 9.30 10.39
C VAL A 58 15.13 9.33 10.81
N GLY A 59 14.50 8.17 10.82
CA GLY A 59 13.12 8.09 11.23
C GLY A 59 12.14 8.46 10.11
N GLU A 60 12.66 8.59 8.89
CA GLU A 60 11.81 8.88 7.73
C GLU A 60 11.91 7.77 6.69
N VAL A 61 10.80 7.55 5.97
CA VAL A 61 10.75 6.57 4.88
C VAL A 61 10.08 7.20 3.66
N LEU A 62 10.42 6.70 2.48
CA LEU A 62 9.75 7.10 1.25
C LEU A 62 8.94 5.93 0.74
N TYR A 63 7.65 6.14 0.55
CA TYR A 63 6.80 5.10 -0.04
C TYR A 63 6.53 5.44 -1.48
N LEU A 64 6.54 4.41 -2.33
CA LEU A 64 6.15 4.55 -3.74
C LEU A 64 4.78 3.92 -3.92
N PHE A 65 3.84 4.70 -4.45
CA PHE A 65 2.51 4.18 -4.74
C PHE A 65 2.24 4.24 -6.24
N ASP A 66 1.38 3.33 -6.68
CA ASP A 66 0.91 3.34 -8.06
C ASP A 66 0.20 4.65 -8.38
N ARG A 67 0.24 5.05 -9.63
CA ARG A 67 -0.62 6.16 -10.06
C ARG A 67 -1.99 5.57 -10.32
N SER A 68 -3.03 6.30 -9.92
CA SER A 68 -4.41 5.84 -10.06
C SER A 68 -4.68 5.35 -11.48
N SER A 69 -4.15 6.05 -12.47
CA SER A 69 -4.48 5.74 -13.87
C SER A 69 -3.73 4.54 -14.44
N ASN A 70 -2.71 4.06 -13.74
CA ASN A 70 -1.91 2.97 -14.29
C ASN A 70 -2.73 1.73 -14.65
N PRO A 71 -3.52 1.19 -13.70
CA PRO A 71 -4.22 -0.05 -14.04
C PRO A 71 -5.32 0.15 -15.09
N ARG A 72 -6.19 1.13 -14.89
CA ARG A 72 -7.33 1.21 -15.79
C ARG A 72 -7.00 1.87 -17.13
N LYS A 73 -5.96 2.69 -17.18
CA LYS A 73 -5.58 3.33 -18.44
C LYS A 73 -4.45 2.62 -19.18
N LYS A 74 -3.44 2.15 -18.45
CA LYS A 74 -2.27 1.55 -19.11
C LYS A 74 -2.19 0.03 -18.98
N GLY A 75 -2.99 -0.54 -18.08
CA GLY A 75 -2.95 -1.98 -17.87
C GLY A 75 -1.75 -2.40 -17.04
N LEU A 76 -1.15 -1.45 -16.31
CA LEU A 76 0.02 -1.74 -15.49
C LEU A 76 -0.30 -1.57 -14.01
N VAL A 77 0.33 -2.41 -13.18
CA VAL A 77 0.24 -2.25 -11.73
C VAL A 77 1.64 -2.35 -11.10
N LEU A 78 1.79 -1.68 -9.97
CA LEU A 78 2.97 -1.82 -9.12
C LEU A 78 2.81 -3.15 -8.37
N ILE A 79 3.57 -4.17 -8.77
CA ILE A 79 3.25 -5.55 -8.42
C ILE A 79 3.53 -5.87 -6.96
N ASN A 80 4.45 -5.15 -6.33
CA ASN A 80 4.66 -5.28 -4.88
C ASN A 80 3.82 -4.29 -4.05
N SER A 81 2.90 -3.59 -4.74
CA SER A 81 1.85 -2.75 -4.15
C SER A 81 2.33 -1.41 -3.64
N VAL A 82 3.38 -1.45 -2.82
CA VAL A 82 3.99 -0.26 -2.25
C VAL A 82 5.47 -0.47 -2.22
N GLY A 83 6.21 0.48 -2.79
CA GLY A 83 7.66 0.41 -2.76
C GLY A 83 8.11 1.03 -1.45
N VAL A 84 8.96 0.34 -0.69
CA VAL A 84 9.41 0.90 0.58
C VAL A 84 10.89 1.26 0.44
N ILE A 85 11.16 2.56 0.30
CA ILE A 85 12.52 3.04 0.06
C ILE A 85 13.11 3.58 1.35
N ASP A 86 14.07 2.82 1.88
CA ASP A 86 14.70 3.12 3.16
C ASP A 86 15.75 4.23 3.01
N GLY A 87 16.03 4.93 4.10
CA GLY A 87 16.92 6.08 4.05
C GLY A 87 18.35 5.67 3.74
N ASP A 88 18.72 4.43 4.07
CA ASP A 88 20.08 3.98 3.76
C ASP A 88 20.25 3.33 2.38
N TYR A 89 19.19 3.32 1.58
CA TYR A 89 19.30 2.85 0.21
C TYR A 89 20.12 3.85 -0.61
N TYR A 90 19.91 5.13 -0.31
CA TYR A 90 20.63 6.26 -0.94
C TYR A 90 22.15 6.02 -0.99
N ASN A 91 22.73 6.15 -2.19
CA ASN A 91 24.18 6.06 -2.35
C ASN A 91 24.79 4.71 -1.95
N ASN A 92 23.99 3.65 -1.96
CA ASN A 92 24.55 2.32 -1.69
C ASN A 92 25.54 1.95 -2.78
N PRO A 93 26.52 1.08 -2.45
CA PRO A 93 27.61 0.83 -3.40
C PRO A 93 27.19 -0.02 -4.59
N ASN A 94 26.00 -0.61 -4.54
CA ASN A 94 25.56 -1.50 -5.62
C ASN A 94 24.89 -0.76 -6.78
N ASN A 95 23.98 0.16 -6.48
CA ASN A 95 23.30 0.88 -7.56
C ASN A 95 23.02 2.34 -7.21
N GLU A 96 23.71 2.85 -6.19
CA GLU A 96 23.68 4.28 -5.84
C GLU A 96 22.33 4.68 -5.26
N GLY A 97 21.46 3.70 -5.02
CA GLY A 97 20.13 3.97 -4.46
C GLY A 97 19.13 4.32 -5.54
N HIS A 98 19.47 3.96 -6.77
CA HIS A 98 18.56 4.14 -7.91
C HIS A 98 17.21 3.49 -7.64
N ILE A 99 16.15 4.29 -7.70
CA ILE A 99 14.81 3.80 -7.43
C ILE A 99 14.20 3.18 -8.69
N PHE A 100 13.75 1.94 -8.59
CA PHE A 100 13.04 1.28 -9.68
C PHE A 100 11.59 1.04 -9.25
N ALA A 101 10.69 1.05 -10.22
CA ALA A 101 9.29 0.68 -9.98
C ALA A 101 9.04 -0.68 -10.62
N GLN A 102 8.68 -1.67 -9.79
CA GLN A 102 8.43 -3.03 -10.26
C GLN A 102 7.02 -3.12 -10.85
N LYS A 104 4.01 -4.67 -13.40
CA LYS A 104 3.51 -5.82 -14.15
C LYS A 104 2.52 -5.38 -15.21
N ASN A 105 2.65 -5.95 -16.41
CA ASN A 105 1.69 -5.73 -17.49
C ASN A 105 0.57 -6.78 -17.41
N THR A 107 -2.04 -6.95 -19.29
CA THR A 107 -2.72 -7.11 -20.58
C THR A 107 -2.05 -8.16 -21.46
N ASP A 108 -2.63 -8.39 -22.64
CA ASP A 108 -2.07 -9.37 -23.57
C ASP A 108 -1.25 -8.75 -24.70
N GLN A 109 -0.94 -7.45 -24.58
CA GLN A 109 -0.08 -6.78 -25.58
C GLN A 109 1.07 -6.09 -24.87
N THR A 110 2.21 -6.00 -25.54
CA THR A 110 3.34 -5.27 -24.99
C THR A 110 2.96 -3.82 -24.69
N VAL A 111 3.36 -3.32 -23.52
CA VAL A 111 3.15 -1.92 -23.16
C VAL A 111 4.49 -1.19 -23.12
N VAL A 112 4.52 0.00 -23.71
CA VAL A 112 5.75 0.77 -23.75
C VAL A 112 5.59 2.03 -22.89
N LEU A 113 6.53 2.21 -21.98
CA LEU A 113 6.62 3.43 -21.20
C LEU A 113 7.69 4.32 -21.81
N GLU A 114 7.29 5.51 -22.25
CA GLU A 114 8.26 6.43 -22.82
C GLU A 114 9.04 7.18 -21.75
N ALA A 115 10.27 7.56 -22.07
CA ALA A 115 11.05 8.40 -21.17
C ALA A 115 10.27 9.66 -20.77
N GLY A 116 10.24 9.98 -19.48
CA GLY A 116 9.54 11.15 -19.00
C GLY A 116 8.11 10.93 -18.56
N GLU A 117 7.53 9.76 -18.87
CA GLU A 117 6.18 9.44 -18.42
C GLU A 117 6.16 9.24 -16.90
N ARG A 118 5.16 9.80 -16.23
CA ARG A 118 5.05 9.59 -14.79
C ARG A 118 4.61 8.15 -14.53
N VAL A 119 5.21 7.51 -13.52
CA VAL A 119 4.95 6.09 -13.32
C VAL A 119 4.50 5.76 -11.90
N VAL A 120 5.11 6.38 -10.88
CA VAL A 120 4.64 6.16 -9.50
C VAL A 120 4.70 7.48 -8.75
N GLN A 121 4.10 7.55 -7.57
CA GLN A 121 4.19 8.75 -6.74
C GLN A 121 4.87 8.41 -5.44
N GLY A 122 5.76 9.29 -5.00
CA GLY A 122 6.53 9.04 -3.78
C GLY A 122 6.08 9.96 -2.67
N VAL A 123 5.87 9.40 -1.48
CA VAL A 123 5.45 10.18 -0.32
C VAL A 123 6.43 9.95 0.82
N PHE A 124 6.96 11.04 1.41
CA PHE A 124 7.85 10.92 2.57
C PHE A 124 7.04 10.97 3.86
N PRO A 126 7.07 9.90 8.44
CA PRO A 126 7.80 9.42 9.62
C PRO A 126 7.47 7.97 9.94
N PHE A 127 8.41 7.23 10.53
CA PHE A 127 8.11 5.91 11.08
C PHE A 127 8.64 5.79 12.50
N LEU A 128 8.22 4.74 13.20
CA LEU A 128 8.48 4.60 14.64
C LEU A 128 9.21 3.29 14.92
N LEU A 129 10.01 3.26 15.98
CA LEU A 129 10.84 2.11 16.32
C LEU A 129 10.25 1.27 17.45
N ILE A 130 10.55 -0.02 17.44
CA ILE A 130 10.11 -0.87 18.54
C ILE A 130 10.98 -0.70 19.78
N ASP A 131 10.46 -1.14 20.91
CA ASP A 131 11.19 -1.10 22.17
C ASP A 131 12.52 -1.82 22.03
N GLY A 132 13.59 -1.21 22.54
CA GLY A 132 14.91 -1.81 22.50
C GLY A 132 15.59 -1.67 21.15
N LYS B 3 7.60 0.26 27.96
CA LYS B 3 6.89 -0.49 26.90
C LYS B 3 6.05 0.49 26.09
N THR B 4 6.30 0.52 24.78
CA THR B 4 5.79 1.53 23.89
C THR B 4 5.15 0.88 22.65
N ARG B 5 5.97 0.26 21.81
CA ARG B 5 5.46 -0.53 20.68
C ARG B 5 6.43 -1.65 20.37
N GLY B 6 5.95 -2.74 19.76
CA GLY B 6 6.84 -3.83 19.41
C GLY B 6 6.10 -5.12 19.11
N PHE B 7 6.86 -6.22 19.03
CA PHE B 7 6.32 -7.55 18.73
C PHE B 7 6.57 -8.50 19.88
N GLU B 8 5.65 -9.44 20.01
CA GLU B 8 5.80 -10.55 20.95
C GLU B 8 5.38 -11.82 20.25
N LEU B 9 6.00 -12.94 20.62
CA LEU B 9 5.51 -14.23 20.16
C LEU B 9 4.11 -14.50 20.71
N ILE B 10 3.23 -15.07 19.89
CA ILE B 10 1.95 -15.54 20.43
C ILE B 10 2.23 -16.81 21.23
N THR B 11 1.30 -17.21 22.08
CA THR B 11 1.54 -18.35 22.93
C THR B 11 1.84 -19.65 22.15
N ASP B 12 1.34 -19.75 20.92
CA ASP B 12 1.48 -20.97 20.12
C ASP B 12 2.90 -21.19 19.58
N TYR B 13 3.75 -20.17 19.66
CA TYR B 13 5.11 -20.25 19.12
C TYR B 13 6.13 -19.80 20.15
N THR B 14 7.30 -20.43 20.13
CA THR B 14 8.33 -20.12 21.10
C THR B 14 9.69 -19.80 20.46
N ASP B 15 9.80 -19.92 19.14
CA ASP B 15 11.07 -19.67 18.45
C ASP B 15 11.34 -18.17 18.36
N GLU B 16 12.32 -17.70 19.12
CA GLU B 16 12.58 -16.25 19.17
C GLU B 16 13.18 -15.72 17.86
N ASN B 17 13.57 -16.64 16.97
CA ASN B 17 13.98 -16.28 15.63
C ASN B 17 12.86 -15.56 14.88
N LEU B 18 11.61 -15.80 15.30
CA LEU B 18 10.47 -15.17 14.62
C LEU B 18 10.24 -13.71 15.00
N LEU B 19 10.92 -13.24 16.03
CA LEU B 19 10.72 -11.85 16.45
C LEU B 19 11.36 -10.93 15.39
N PRO B 20 10.56 -10.01 14.79
CA PRO B 20 11.08 -9.24 13.64
C PRO B 20 12.19 -8.25 14.01
N LYS B 21 13.13 -8.08 13.09
CA LYS B 21 14.15 -7.05 13.26
C LYS B 21 14.31 -6.27 11.97
N ARG B 22 14.95 -5.11 12.05
CA ARG B 22 15.22 -4.33 10.85
C ARG B 22 16.54 -4.79 10.26
N GLU B 23 16.60 -4.84 8.93
CA GLU B 23 17.77 -5.37 8.26
C GLU B 23 18.97 -4.44 8.33
N THR B 24 18.70 -3.13 8.32
CA THR B 24 19.76 -2.13 8.41
C THR B 24 19.36 -1.05 9.40
N ALA B 25 20.34 -0.23 9.80
CA ALA B 25 20.13 0.69 10.91
C ALA B 25 19.13 1.80 10.62
N HIS B 26 18.87 2.06 9.33
CA HIS B 26 17.89 3.09 8.95
C HIS B 26 16.70 2.58 8.18
N ALA B 27 16.53 1.26 8.15
CA ALA B 27 15.36 0.69 7.49
C ALA B 27 14.09 1.09 8.22
N ALA B 28 13.00 1.23 7.46
CA ALA B 28 11.72 1.59 8.03
C ALA B 28 11.02 0.35 8.57
N GLY B 29 11.26 -0.78 7.90
CA GLY B 29 10.48 -1.99 8.11
C GLY B 29 11.13 -3.06 8.97
N TYR B 30 10.30 -3.78 9.72
CA TYR B 30 10.69 -4.95 10.51
C TYR B 30 10.27 -6.17 9.73
N ASP B 31 11.20 -7.10 9.51
CA ASP B 31 10.89 -8.23 8.64
C ASP B 31 10.21 -9.36 9.40
N LEU B 32 8.93 -9.58 9.11
CA LEU B 32 8.18 -10.68 9.69
C LEU B 32 8.46 -11.97 8.92
N LYS B 33 8.43 -13.09 9.62
CA LYS B 33 8.84 -14.37 9.05
C LYS B 33 7.70 -15.37 9.07
N VAL B 34 7.83 -16.42 8.25
CA VAL B 34 6.88 -17.50 8.18
C VAL B 34 7.02 -18.39 9.39
N ALA B 35 5.94 -18.62 10.14
CA ALA B 35 6.06 -19.28 11.45
C ALA B 35 6.20 -20.80 11.33
N GLU B 36 5.61 -21.33 10.27
CA GLU B 36 5.66 -22.77 10.03
C GLU B 36 5.56 -23.03 8.55
N ARG B 37 6.10 -24.15 8.11
CA ARG B 37 6.08 -24.43 6.68
C ARG B 37 4.66 -24.29 6.12
N THR B 38 4.54 -23.55 5.03
CA THR B 38 3.23 -23.23 4.47
C THR B 38 3.24 -23.39 2.95
N GLU B 39 2.36 -24.25 2.45
CA GLU B 39 2.23 -24.46 1.01
C GLU B 39 1.12 -23.59 0.42
N ILE B 40 1.36 -23.04 -0.76
CA ILE B 40 0.35 -22.26 -1.45
C ILE B 40 0.18 -22.81 -2.87
N SER B 41 -0.98 -23.43 -3.11
CA SER B 41 -1.28 -24.00 -4.42
C SER B 41 -1.31 -22.95 -5.53
N ALA B 42 -1.14 -23.40 -6.77
CA ALA B 42 -1.24 -22.51 -7.91
C ALA B 42 -2.53 -21.70 -7.89
N GLY B 43 -2.37 -20.37 -7.99
CA GLY B 43 -3.50 -19.47 -8.00
C GLY B 43 -4.25 -19.27 -6.69
N ALA B 44 -3.81 -19.93 -5.62
CA ALA B 44 -4.53 -19.90 -4.35
C ALA B 44 -4.15 -18.71 -3.46
N ILE B 45 -5.06 -18.36 -2.56
CA ILE B 45 -4.79 -17.38 -1.50
C ILE B 45 -4.72 -18.12 -0.17
N VAL B 46 -3.63 -17.91 0.56
CA VAL B 46 -3.41 -18.58 1.86
C VAL B 46 -2.97 -17.55 2.89
N LEU B 47 -3.55 -17.67 4.08
CA LEU B 47 -3.14 -16.85 5.22
C LEU B 47 -1.90 -17.47 5.84
N VAL B 48 -0.77 -16.79 5.73
CA VAL B 48 0.50 -17.35 6.19
C VAL B 48 0.75 -16.84 7.62
N PRO B 49 0.90 -17.76 8.59
CA PRO B 49 1.17 -17.34 9.97
C PRO B 49 2.58 -16.78 10.15
N THR B 50 2.67 -15.81 11.05
CA THR B 50 3.86 -15.06 11.24
C THR B 50 4.38 -15.34 12.68
N GLY B 51 3.52 -15.92 13.52
CA GLY B 51 3.91 -16.29 14.88
C GLY B 51 3.97 -15.15 15.88
N VAL B 52 3.69 -13.92 15.44
CA VAL B 52 3.81 -12.77 16.33
C VAL B 52 2.55 -11.90 16.40
N LYS B 53 2.45 -11.13 17.48
CA LYS B 53 1.43 -10.10 17.65
C LYS B 53 2.16 -8.79 17.89
N ALA B 54 1.47 -7.67 17.75
CA ALA B 54 2.14 -6.37 17.87
C ALA B 54 1.35 -5.43 18.76
N TYR B 55 2.02 -4.77 19.69
CA TYR B 55 1.40 -3.77 20.55
C TYR B 55 1.94 -2.41 20.13
N GLN B 57 1.07 2.28 20.62
CA GLN B 57 0.39 3.30 21.43
C GLN B 57 -0.91 3.70 20.79
N VAL B 58 -1.74 4.43 21.52
CA VAL B 58 -2.95 4.97 20.90
C VAL B 58 -2.48 5.96 19.81
N GLY B 59 -3.18 5.93 18.68
CA GLY B 59 -2.84 6.79 17.56
C GLY B 59 -1.74 6.24 16.67
N GLU B 60 -1.41 4.98 16.88
CA GLU B 60 -0.42 4.30 16.03
C GLU B 60 -1.05 3.14 15.28
N VAL B 61 -0.49 2.84 14.11
CA VAL B 61 -0.89 1.69 13.31
C VAL B 61 0.35 0.97 12.81
N LEU B 62 0.21 -0.33 12.55
CA LEU B 62 1.28 -1.12 11.96
C LEU B 62 0.83 -1.53 10.57
N TYR B 63 1.59 -1.16 9.56
CA TYR B 63 1.26 -1.57 8.18
C TYR B 63 2.16 -2.71 7.79
N LEU B 64 1.60 -3.69 7.09
CA LEU B 64 2.41 -4.79 6.53
C LEU B 64 2.51 -4.59 5.03
N PHE B 65 3.74 -4.52 4.53
CA PHE B 65 3.97 -4.38 3.10
C PHE B 65 4.64 -5.62 2.55
N ASP B 66 4.39 -5.87 1.27
CA ASP B 66 5.05 -6.96 0.58
C ASP B 66 6.56 -6.71 0.60
N ARG B 67 7.33 -7.78 0.55
CA ARG B 67 8.77 -7.64 0.28
C ARG B 67 8.94 -7.52 -1.22
N SER B 68 9.87 -6.66 -1.64
CA SER B 68 10.10 -6.37 -3.04
C SER B 68 10.30 -7.64 -3.83
N SER B 69 11.03 -8.59 -3.27
CA SER B 69 11.39 -9.80 -4.03
C SER B 69 10.26 -10.82 -4.13
N ASN B 70 9.19 -10.65 -3.36
CA ASN B 70 8.12 -11.66 -3.39
C ASN B 70 7.56 -11.91 -4.81
N PRO B 71 7.13 -10.85 -5.51
CA PRO B 71 6.51 -11.15 -6.80
C PRO B 71 7.49 -11.63 -7.86
N ARG B 72 8.61 -10.93 -8.03
CA ARG B 72 9.45 -11.31 -9.15
C ARG B 72 10.35 -12.51 -8.87
N LYS B 73 10.61 -12.81 -7.59
CA LYS B 73 11.43 -13.96 -7.26
C LYS B 73 10.65 -15.18 -6.86
N LYS B 74 9.56 -15.00 -6.09
CA LYS B 74 8.81 -16.13 -5.57
C LYS B 74 7.46 -16.35 -6.24
N GLY B 75 6.99 -15.35 -6.98
CA GLY B 75 5.70 -15.46 -7.63
C GLY B 75 4.55 -15.25 -6.67
N LEU B 76 4.83 -14.60 -5.54
CA LEU B 76 3.80 -14.36 -4.50
C LEU B 76 3.55 -12.88 -4.33
N VAL B 77 2.30 -12.52 -4.05
CA VAL B 77 1.96 -11.14 -3.70
C VAL B 77 1.08 -11.09 -2.45
N LEU B 78 1.19 -10.00 -1.71
CA LEU B 78 0.27 -9.71 -0.60
C LEU B 78 -1.04 -9.24 -1.24
N ILE B 79 -2.06 -10.10 -1.21
CA ILE B 79 -3.20 -9.93 -2.09
C ILE B 79 -4.10 -8.75 -1.72
N ASN B 80 -4.11 -8.37 -0.44
CA ASN B 80 -4.82 -7.16 0.00
C ASN B 80 -3.92 -5.90 0.01
N SER B 81 -2.72 -6.03 -0.58
CA SER B 81 -1.78 -4.95 -0.86
C SER B 81 -1.02 -4.41 0.36
N VAL B 82 -1.77 -4.07 1.39
CA VAL B 82 -1.23 -3.58 2.64
C VAL B 82 -2.04 -4.16 3.77
N GLY B 83 -1.37 -4.78 4.72
CA GLY B 83 -2.06 -5.29 5.89
C GLY B 83 -2.14 -4.15 6.89
N VAL B 84 -3.33 -3.92 7.44
CA VAL B 84 -3.53 -2.81 8.38
C VAL B 84 -3.80 -3.42 9.75
N ILE B 85 -2.79 -3.38 10.60
CA ILE B 85 -2.86 -4.03 11.91
C ILE B 85 -3.14 -2.96 12.97
N ASP B 86 -4.36 -3.01 13.51
CA ASP B 86 -4.82 -2.01 14.48
C ASP B 86 -4.26 -2.30 15.88
N GLY B 87 -4.16 -1.27 16.71
CA GLY B 87 -3.57 -1.40 18.03
C GLY B 87 -4.36 -2.31 18.96
N ASP B 88 -5.66 -2.44 18.69
CA ASP B 88 -6.49 -3.28 19.54
C ASP B 88 -6.62 -4.72 19.05
N TYR B 89 -5.89 -5.06 17.99
CA TYR B 89 -5.89 -6.44 17.52
C TYR B 89 -5.09 -7.30 18.51
N TYR B 90 -4.00 -6.72 19.03
CA TYR B 90 -3.15 -7.35 20.05
C TYR B 90 -3.94 -7.97 21.18
N ASN B 91 -3.66 -9.24 21.45
CA ASN B 91 -4.28 -9.96 22.57
C ASN B 91 -5.81 -10.09 22.51
N ASN B 92 -6.39 -10.00 21.33
CA ASN B 92 -7.84 -10.21 21.18
C ASN B 92 -8.18 -11.65 21.58
N PRO B 93 -9.42 -11.89 22.04
CA PRO B 93 -9.78 -13.21 22.58
C PRO B 93 -9.88 -14.30 21.52
N ASN B 94 -9.90 -13.94 20.24
CA ASN B 94 -10.11 -14.93 19.17
C ASN B 94 -8.82 -15.59 18.70
N ASN B 95 -7.77 -14.79 18.47
CA ASN B 95 -6.51 -15.38 18.00
C ASN B 95 -5.27 -14.71 18.58
N GLU B 96 -5.49 -13.94 19.65
CA GLU B 96 -4.42 -13.32 20.43
C GLU B 96 -3.73 -12.19 19.65
N GLY B 97 -4.29 -11.84 18.50
CA GLY B 97 -3.66 -10.80 17.68
C GLY B 97 -2.59 -11.35 16.76
N HIS B 98 -2.64 -12.65 16.54
CA HIS B 98 -1.69 -13.30 15.63
C HIS B 98 -1.77 -12.67 14.25
N ILE B 99 -0.65 -12.15 13.77
CA ILE B 99 -0.60 -11.52 12.46
C ILE B 99 -0.39 -12.56 11.37
N PHE B 100 -1.28 -12.55 10.36
CA PHE B 100 -1.15 -13.38 9.17
C PHE B 100 -0.92 -12.50 7.95
N ALA B 101 -0.15 -13.01 7.00
CA ALA B 101 0.03 -12.36 5.70
C ALA B 101 -0.80 -13.10 4.64
N GLN B 102 -1.73 -12.40 4.01
CA GLN B 102 -2.61 -13.02 3.01
C GLN B 102 -1.91 -13.04 1.64
N LYS B 104 -1.02 -14.54 -2.23
CA LYS B 104 -1.53 -15.24 -3.40
C LYS B 104 -0.39 -15.74 -4.26
N ASN B 105 -0.50 -16.98 -4.72
CA ASN B 105 0.47 -17.56 -5.64
C ASN B 105 0.01 -17.29 -7.07
N THR B 107 1.64 -18.01 -9.77
CA THR B 107 2.22 -18.96 -10.72
C THR B 107 1.37 -20.23 -10.90
N ASP B 108 1.84 -21.12 -11.76
CA ASP B 108 1.11 -22.35 -12.03
C ASP B 108 1.68 -23.57 -11.30
N GLN B 109 2.59 -23.34 -10.36
CA GLN B 109 3.17 -24.42 -9.54
C GLN B 109 3.03 -24.08 -8.08
N THR B 110 2.84 -25.09 -7.24
CA THR B 110 2.76 -24.88 -5.80
C THR B 110 4.04 -24.21 -5.32
N VAL B 111 3.89 -23.20 -4.45
CA VAL B 111 5.03 -22.54 -3.84
C VAL B 111 5.04 -22.90 -2.36
N VAL B 112 6.21 -23.23 -1.84
CA VAL B 112 6.36 -23.57 -0.43
C VAL B 112 7.17 -22.51 0.28
N LEU B 113 6.60 -21.95 1.35
CA LEU B 113 7.33 -21.05 2.23
C LEU B 113 7.82 -21.86 3.41
N GLU B 114 9.14 -21.91 3.60
CA GLU B 114 9.72 -22.60 4.75
C GLU B 114 9.63 -21.74 6.02
N ALA B 115 9.54 -22.39 7.17
CA ALA B 115 9.59 -21.68 8.45
C ALA B 115 10.85 -20.83 8.49
N GLY B 116 10.71 -19.60 8.95
CA GLY B 116 11.84 -18.68 9.08
C GLY B 116 12.08 -17.77 7.89
N GLU B 117 11.44 -18.04 6.75
CA GLU B 117 11.61 -17.19 5.57
C GLU B 117 10.92 -15.85 5.80
N ARG B 118 11.56 -14.76 5.39
CA ARG B 118 10.93 -13.44 5.55
C ARG B 118 9.82 -13.28 4.52
N VAL B 119 8.70 -12.73 4.94
CA VAL B 119 7.51 -12.72 4.08
C VAL B 119 6.91 -11.33 3.88
N VAL B 120 6.86 -10.52 4.94
CA VAL B 120 6.38 -9.15 4.78
C VAL B 120 7.21 -8.22 5.65
N GLN B 121 7.14 -6.91 5.41
CA GLN B 121 7.80 -5.97 6.30
C GLN B 121 6.78 -5.09 7.01
N GLY B 122 6.97 -4.88 8.31
CA GLY B 122 6.03 -4.10 9.07
C GLY B 122 6.61 -2.74 9.45
N VAL B 123 5.82 -1.69 9.27
CA VAL B 123 6.24 -0.33 9.60
C VAL B 123 5.21 0.29 10.56
N PHE B 124 5.69 0.83 11.68
CA PHE B 124 4.82 1.50 12.65
C PHE B 124 4.74 2.99 12.33
N PRO B 126 2.19 6.92 12.83
CA PRO B 126 1.07 7.63 13.48
C PRO B 126 -0.11 7.78 12.52
N PHE B 127 -1.31 7.81 13.07
CA PHE B 127 -2.49 8.17 12.28
C PHE B 127 -3.32 9.23 13.02
N LEU B 128 -4.28 9.82 12.32
CA LEU B 128 -4.99 11.00 12.79
C LEU B 128 -6.51 10.76 12.77
N LEU B 129 -7.22 11.44 13.67
CA LEU B 129 -8.66 11.23 13.84
C LEU B 129 -9.50 12.32 13.19
N ILE B 130 -10.69 11.96 12.74
CA ILE B 130 -11.62 12.95 12.20
C ILE B 130 -12.26 13.79 13.29
N ASP B 131 -12.79 14.95 12.90
CA ASP B 131 -13.52 15.82 13.83
C ASP B 131 -14.65 15.05 14.55
N GLY B 132 -14.72 15.20 15.87
CA GLY B 132 -15.74 14.54 16.68
C GLY B 132 -15.48 13.06 16.95
N ARG C 5 -10.04 17.72 10.12
CA ARG C 5 -10.11 16.75 9.02
C ARG C 5 -11.34 15.89 9.18
N GLY C 6 -11.82 15.32 8.07
CA GLY C 6 -13.03 14.51 8.14
C GLY C 6 -13.69 14.26 6.82
N PHE C 7 -14.89 13.68 6.87
CA PHE C 7 -15.64 13.34 5.66
C PHE C 7 -16.92 14.12 5.60
N GLU C 8 -17.37 14.39 4.38
CA GLU C 8 -18.69 15.00 4.14
C GLU C 8 -19.33 14.26 2.97
N LEU C 9 -20.65 14.18 2.96
CA LEU C 9 -21.35 13.71 1.78
C LEU C 9 -21.12 14.69 0.64
N ILE C 10 -20.93 14.17 -0.58
CA ILE C 10 -20.98 15.02 -1.75
C ILE C 10 -22.44 15.43 -2.00
N THR C 11 -22.63 16.49 -2.76
CA THR C 11 -24.00 16.98 -2.96
C THR C 11 -24.95 15.94 -3.60
N ASP C 12 -24.40 15.03 -4.41
CA ASP C 12 -25.20 13.99 -5.07
C ASP C 12 -25.79 12.92 -4.17
N TYR C 13 -25.35 12.83 -2.91
CA TYR C 13 -25.82 11.80 -2.00
C TYR C 13 -26.27 12.43 -0.68
N THR C 14 -27.32 11.86 -0.07
CA THR C 14 -27.84 12.38 1.18
C THR C 14 -27.96 11.37 2.31
N ASP C 15 -27.59 10.11 2.04
CA ASP C 15 -27.70 9.07 3.06
C ASP C 15 -26.53 9.17 4.04
N GLU C 16 -26.81 9.63 5.27
CA GLU C 16 -25.75 9.84 6.24
C GLU C 16 -25.11 8.54 6.72
N ASN C 17 -25.74 7.41 6.39
CA ASN C 17 -25.15 6.09 6.64
C ASN C 17 -23.81 5.94 5.93
N LEU C 18 -23.60 6.73 4.87
CA LEU C 18 -22.35 6.66 4.10
C LEU C 18 -21.17 7.34 4.80
N LEU C 19 -21.43 8.16 5.80
CA LEU C 19 -20.34 8.85 6.47
C LEU C 19 -19.50 7.82 7.23
N PRO C 20 -18.20 7.72 6.92
CA PRO C 20 -17.37 6.64 7.51
C PRO C 20 -17.16 6.76 9.01
N LYS C 21 -17.09 5.61 9.68
CA LYS C 21 -16.72 5.57 11.09
C LYS C 21 -15.68 4.48 11.29
N ARG C 22 -15.01 4.51 12.43
CA ARG C 22 -14.06 3.46 12.79
C ARG C 22 -14.81 2.34 13.49
N GLU C 23 -14.43 1.10 13.20
CA GLU C 23 -15.15 -0.04 13.75
C GLU C 23 -14.93 -0.22 15.23
N THR C 24 -13.73 0.12 15.71
CA THR C 24 -13.39 0.00 17.12
C THR C 24 -12.67 1.25 17.58
N ALA C 25 -12.58 1.42 18.90
CA ALA C 25 -12.07 2.66 19.46
C ALA C 25 -10.60 2.96 19.15
N HIS C 26 -9.84 1.93 18.76
CA HIS C 26 -8.43 2.13 18.42
C HIS C 26 -8.06 1.78 17.01
N ALA C 27 -9.06 1.53 16.17
CA ALA C 27 -8.79 1.24 14.76
C ALA C 27 -8.16 2.45 14.07
N ALA C 28 -7.28 2.19 13.11
CA ALA C 28 -6.64 3.26 12.35
C ALA C 28 -7.57 3.78 11.26
N GLY C 29 -8.39 2.88 10.72
CA GLY C 29 -9.14 3.17 9.49
C GLY C 29 -10.60 3.50 9.68
N TYR C 30 -11.11 4.38 8.81
CA TYR C 30 -12.52 4.72 8.70
C TYR C 30 -13.09 3.91 7.55
N ASP C 31 -14.20 3.23 7.78
CA ASP C 31 -14.72 2.33 6.76
C ASP C 31 -15.62 3.07 5.76
N LEU C 32 -15.14 3.24 4.53
CA LEU C 32 -15.94 3.83 3.47
C LEU C 32 -16.88 2.80 2.87
N LYS C 33 -18.04 3.25 2.41
CA LYS C 33 -19.07 2.33 1.96
C LYS C 33 -19.44 2.59 0.50
N VAL C 34 -20.09 1.60 -0.11
CA VAL C 34 -20.55 1.70 -1.49
C VAL C 34 -21.80 2.59 -1.54
N ALA C 35 -21.78 3.62 -2.39
CA ALA C 35 -22.82 4.66 -2.36
C ALA C 35 -24.10 4.22 -3.07
N GLU C 36 -23.94 3.35 -4.05
CA GLU C 36 -25.08 2.85 -4.82
C GLU C 36 -24.72 1.50 -5.36
N ARG C 37 -25.73 0.68 -5.61
CA ARG C 37 -25.48 -0.66 -6.11
C ARG C 37 -24.57 -0.62 -7.34
N THR C 38 -23.52 -1.44 -7.32
CA THR C 38 -22.49 -1.40 -8.34
C THR C 38 -22.09 -2.80 -8.77
N GLU C 39 -22.25 -3.09 -10.06
CA GLU C 39 -21.85 -4.40 -10.58
C GLU C 39 -20.45 -4.33 -11.16
N ILE C 40 -19.68 -5.39 -10.95
CA ILE C 40 -18.35 -5.50 -11.55
C ILE C 40 -18.24 -6.82 -12.31
N SER C 41 -18.18 -6.74 -13.64
CA SER C 41 -18.09 -7.93 -14.48
C SER C 41 -16.81 -8.70 -14.24
N ALA C 42 -16.84 -9.98 -14.59
CA ALA C 42 -15.67 -10.83 -14.49
C ALA C 42 -14.43 -10.18 -15.12
N GLY C 43 -13.36 -10.08 -14.33
CA GLY C 43 -12.09 -9.56 -14.80
C GLY C 43 -12.05 -8.05 -15.00
N ALA C 44 -13.14 -7.36 -14.71
CA ALA C 44 -13.24 -5.92 -15.00
C ALA C 44 -12.73 -5.04 -13.85
N ILE C 45 -12.34 -3.82 -14.21
CA ILE C 45 -12.05 -2.78 -13.23
C ILE C 45 -13.18 -1.74 -13.25
N VAL C 46 -13.70 -1.43 -12.07
CA VAL C 46 -14.79 -0.47 -11.92
C VAL C 46 -14.49 0.54 -10.81
N LEU C 47 -14.75 1.82 -11.09
CA LEU C 47 -14.63 2.85 -10.07
C LEU C 47 -15.90 2.85 -9.22
N VAL C 48 -15.78 2.43 -7.95
CA VAL C 48 -16.96 2.26 -7.12
C VAL C 48 -17.16 3.53 -6.31
N PRO C 49 -18.35 4.16 -6.42
CA PRO C 49 -18.57 5.41 -5.69
C PRO C 49 -18.77 5.16 -4.22
N THR C 50 -18.32 6.13 -3.44
CA THR C 50 -18.27 6.03 -2.02
C THR C 50 -19.22 7.09 -1.42
N GLY C 51 -19.58 8.09 -2.23
CA GLY C 51 -20.53 9.10 -1.80
C GLY C 51 -19.97 10.22 -0.94
N VAL C 52 -18.69 10.13 -0.59
CA VAL C 52 -18.09 11.13 0.29
C VAL C 52 -16.85 11.81 -0.28
N LYS C 53 -16.53 12.96 0.30
CA LYS C 53 -15.28 13.67 0.03
C LYS C 53 -14.60 13.88 1.38
N ALA C 54 -13.31 14.23 1.35
CA ALA C 54 -12.56 14.33 2.61
C ALA C 54 -11.76 15.61 2.65
N TYR C 55 -11.84 16.32 3.76
CA TYR C 55 -11.01 17.51 3.96
C TYR C 55 -9.96 17.17 5.02
N GLN C 57 -5.90 18.88 6.91
CA GLN C 57 -4.99 20.03 7.01
C GLN C 57 -3.83 19.96 6.03
N VAL C 58 -3.12 21.07 5.88
CA VAL C 58 -1.91 21.03 5.07
C VAL C 58 -0.97 20.04 5.72
N GLY C 59 -0.27 19.31 4.88
CA GLY C 59 0.68 18.34 5.39
C GLY C 59 0.02 17.03 5.79
N GLU C 60 -1.24 16.87 5.42
CA GLU C 60 -1.96 15.61 5.70
C GLU C 60 -2.45 14.94 4.41
N VAL C 61 -2.50 13.61 4.44
CA VAL C 61 -2.99 12.81 3.32
C VAL C 61 -3.95 11.74 3.83
N LEU C 62 -4.87 11.32 2.98
CA LEU C 62 -5.79 10.23 3.30
C LEU C 62 -5.48 9.06 2.39
N TYR C 63 -5.14 7.91 2.98
CA TYR C 63 -4.86 6.72 2.20
C TYR C 63 -6.06 5.81 2.25
N LEU C 64 -6.40 5.20 1.12
CA LEU C 64 -7.44 4.18 1.06
C LEU C 64 -6.79 2.81 0.91
N PHE C 65 -7.07 1.91 1.84
CA PHE C 65 -6.60 0.54 1.76
C PHE C 65 -7.72 -0.45 1.55
N ASP C 66 -7.39 -1.57 0.94
CA ASP C 66 -8.33 -2.65 0.76
C ASP C 66 -8.78 -3.15 2.13
N ARG C 67 -9.99 -3.71 2.19
CA ARG C 67 -10.40 -4.44 3.37
C ARG C 67 -9.83 -5.84 3.25
N SER C 68 -9.36 -6.38 4.37
CA SER C 68 -8.76 -7.70 4.39
C SER C 68 -9.62 -8.75 3.69
N SER C 69 -10.93 -8.67 3.91
CA SER C 69 -11.82 -9.71 3.42
C SER C 69 -12.15 -9.57 1.93
N ASN C 70 -11.84 -8.43 1.31
CA ASN C 70 -12.21 -8.27 -0.09
C ASN C 70 -11.69 -9.40 -1.00
N PRO C 71 -10.37 -9.66 -1.01
CA PRO C 71 -9.87 -10.66 -1.96
C PRO C 71 -10.36 -12.07 -1.64
N ARG C 72 -10.18 -12.53 -0.41
CA ARG C 72 -10.50 -13.91 -0.15
C ARG C 72 -11.97 -14.22 0.02
N LYS C 73 -12.77 -13.22 0.39
CA LYS C 73 -14.22 -13.42 0.53
C LYS C 73 -15.04 -13.00 -0.67
N LYS C 74 -14.69 -11.85 -1.27
CA LYS C 74 -15.49 -11.31 -2.37
C LYS C 74 -14.86 -11.48 -3.75
N GLY C 75 -13.57 -11.81 -3.78
CA GLY C 75 -12.86 -11.90 -5.04
C GLY C 75 -12.53 -10.55 -5.66
N LEU C 76 -12.52 -9.50 -4.84
CA LEU C 76 -12.22 -8.16 -5.34
C LEU C 76 -10.94 -7.63 -4.73
N VAL C 77 -10.22 -6.81 -5.49
CA VAL C 77 -9.03 -6.15 -4.96
C VAL C 77 -9.01 -4.68 -5.39
N LEU C 78 -8.38 -3.86 -4.55
CA LEU C 78 -8.16 -2.47 -4.89
C LEU C 78 -6.99 -2.47 -5.86
N ILE C 79 -7.27 -2.19 -7.13
CA ILE C 79 -6.31 -2.53 -8.20
C ILE C 79 -5.08 -1.63 -8.24
N ASN C 80 -5.22 -0.40 -7.77
CA ASN C 80 -4.06 0.48 -7.61
C ASN C 80 -3.39 0.36 -6.23
N SER C 81 -3.83 -0.63 -5.43
CA SER C 81 -3.21 -1.02 -4.15
C SER C 81 -3.50 -0.09 -2.97
N VAL C 82 -3.25 1.20 -3.19
CA VAL C 82 -3.49 2.21 -2.18
C VAL C 82 -4.03 3.43 -2.91
N GLY C 83 -5.17 3.94 -2.45
CA GLY C 83 -5.69 5.18 -3.02
C GLY C 83 -5.07 6.34 -2.27
N VAL C 84 -4.52 7.31 -3.00
CA VAL C 84 -3.88 8.43 -2.35
C VAL C 84 -4.75 9.68 -2.57
N ILE C 85 -5.44 10.09 -1.53
CA ILE C 85 -6.42 11.18 -1.62
C ILE C 85 -5.79 12.43 -1.05
N ASP C 86 -5.50 13.39 -1.94
CA ASP C 86 -4.79 14.60 -1.59
C ASP C 86 -5.75 15.62 -0.98
N GLY C 87 -5.23 16.52 -0.15
CA GLY C 87 -6.06 17.49 0.53
C GLY C 87 -6.79 18.43 -0.43
N ASP C 88 -6.21 18.65 -1.60
CA ASP C 88 -6.85 19.57 -2.53
C ASP C 88 -7.79 18.88 -3.53
N TYR C 89 -8.02 17.58 -3.36
CA TYR C 89 -9.03 16.90 -4.13
C TYR C 89 -10.43 17.37 -3.71
N TYR C 90 -10.59 17.60 -2.39
CA TYR C 90 -11.81 18.10 -1.77
C TYR C 90 -12.37 19.30 -2.52
N ASN C 91 -13.64 19.22 -2.89
CA ASN C 91 -14.36 20.34 -3.53
C ASN C 91 -13.76 20.80 -4.87
N ASN C 92 -13.02 19.94 -5.54
CA ASN C 92 -12.54 20.28 -6.89
C ASN C 92 -13.73 20.49 -7.83
N PRO C 93 -13.55 21.33 -8.86
CA PRO C 93 -14.67 21.69 -9.72
C PRO C 93 -15.15 20.58 -10.62
N ASN C 94 -14.35 19.52 -10.77
CA ASN C 94 -14.76 18.42 -11.65
C ASN C 94 -15.74 17.42 -11.03
N ASN C 95 -15.46 16.95 -9.81
CA ASN C 95 -16.36 15.98 -9.18
C ASN C 95 -16.55 16.19 -7.69
N GLU C 96 -16.16 17.37 -7.22
CA GLU C 96 -16.39 17.79 -5.84
C GLU C 96 -15.46 17.04 -4.86
N GLY C 97 -14.53 16.27 -5.40
CA GLY C 97 -13.66 15.45 -4.56
C GLY C 97 -14.28 14.13 -4.16
N HIS C 98 -15.28 13.70 -4.91
CA HIS C 98 -15.91 12.40 -4.67
C HIS C 98 -14.88 11.28 -4.73
N ILE C 99 -14.80 10.52 -3.65
CA ILE C 99 -13.83 9.42 -3.55
C ILE C 99 -14.39 8.15 -4.19
N PHE C 100 -13.63 7.59 -5.15
CA PHE C 100 -13.99 6.31 -5.74
C PHE C 100 -12.94 5.28 -5.34
N ALA C 101 -13.37 4.02 -5.22
CA ALA C 101 -12.45 2.91 -5.01
C ALA C 101 -12.35 2.12 -6.32
N GLN C 102 -11.13 2.01 -6.86
CA GLN C 102 -10.92 1.31 -8.13
C GLN C 102 -10.78 -0.19 -7.86
N LYS C 104 -11.07 -4.32 -8.82
CA LYS C 104 -11.03 -5.31 -9.90
C LYS C 104 -11.64 -6.60 -9.41
N ASN C 105 -12.49 -7.21 -10.23
CA ASN C 105 -13.06 -8.52 -9.97
C ASN C 105 -12.16 -9.62 -10.55
N THR C 107 -12.55 -12.80 -10.23
CA THR C 107 -13.24 -14.06 -10.44
C THR C 107 -13.86 -14.14 -11.83
N ASP C 108 -14.54 -15.25 -12.10
CA ASP C 108 -15.13 -15.45 -13.42
C ASP C 108 -16.64 -15.22 -13.44
N GLN C 109 -17.18 -14.65 -12.36
CA GLN C 109 -18.60 -14.31 -12.28
C GLN C 109 -18.75 -12.86 -11.90
N THR C 110 -19.80 -12.22 -12.39
CA THR C 110 -20.09 -10.86 -11.97
C THR C 110 -20.24 -10.77 -10.46
N VAL C 111 -19.60 -9.76 -9.86
CA VAL C 111 -19.79 -9.47 -8.43
C VAL C 111 -20.59 -8.21 -8.26
N VAL C 112 -21.58 -8.24 -7.38
CA VAL C 112 -22.40 -7.08 -7.09
C VAL C 112 -22.12 -6.53 -5.70
N LEU C 113 -21.79 -5.24 -5.64
CA LEU C 113 -21.65 -4.54 -4.37
C LEU C 113 -22.94 -3.80 -4.09
N GLU C 114 -23.57 -4.10 -2.96
CA GLU C 114 -24.80 -3.41 -2.60
C GLU C 114 -24.52 -2.08 -1.93
N ALA C 115 -25.43 -1.11 -2.10
CA ALA C 115 -25.33 0.14 -1.38
C ALA C 115 -25.16 -0.12 0.11
N GLY C 116 -24.23 0.59 0.75
CA GLY C 116 -24.02 0.44 2.17
C GLY C 116 -22.94 -0.54 2.58
N GLU C 117 -22.53 -1.43 1.67
CA GLU C 117 -21.44 -2.37 1.96
C GLU C 117 -20.11 -1.65 2.15
N ARG C 118 -19.35 -2.06 3.16
CA ARG C 118 -18.02 -1.46 3.36
C ARG C 118 -17.07 -1.97 2.29
N VAL C 119 -16.26 -1.07 1.71
CA VAL C 119 -15.44 -1.44 0.56
C VAL C 119 -13.95 -1.13 0.76
N VAL C 120 -13.61 0.01 1.36
CA VAL C 120 -12.20 0.29 1.65
C VAL C 120 -12.08 0.96 3.01
N GLN C 121 -10.86 1.04 3.54
CA GLN C 121 -10.67 1.75 4.80
C GLN C 121 -9.76 2.95 4.58
N GLY C 122 -10.11 4.09 5.17
CA GLY C 122 -9.34 5.30 5.00
C GLY C 122 -8.56 5.65 6.25
N VAL C 123 -7.28 5.96 6.09
CA VAL C 123 -6.45 6.39 7.22
C VAL C 123 -5.84 7.75 6.92
N PHE C 124 -5.97 8.70 7.86
CA PHE C 124 -5.37 10.03 7.74
C PHE C 124 -3.98 10.02 8.38
N PRO C 126 0.22 12.17 8.46
CA PRO C 126 1.08 13.30 8.07
C PRO C 126 2.04 12.91 6.93
N PHE C 127 2.43 13.88 6.11
CA PHE C 127 3.48 13.64 5.14
C PHE C 127 4.48 14.78 5.20
N LEU C 128 5.65 14.59 4.57
CA LEU C 128 6.75 15.52 4.69
C LEU C 128 7.16 16.04 3.30
N LEU C 129 7.77 17.22 3.27
CA LEU C 129 8.13 17.87 2.00
C LEU C 129 9.62 17.81 1.69
N ILE C 130 9.97 17.80 0.41
CA ILE C 130 11.38 17.85 0.04
C ILE C 130 11.96 19.24 0.22
N ASP C 131 13.28 19.31 0.23
CA ASP C 131 14.00 20.58 0.35
C ASP C 131 13.59 21.52 -0.78
N GLY C 132 13.30 22.77 -0.42
CA GLY C 132 12.95 23.76 -1.41
C GLY C 132 11.52 23.61 -1.93
#